data_7Z2J
#
_entry.id   7Z2J
#
_cell.length_a   41.586
_cell.length_b   49.017
_cell.length_c   53.763
_cell.angle_alpha   90.000
_cell.angle_beta   110.040
_cell.angle_gamma   90.000
#
_symmetry.space_group_name_H-M   'P 1 21 1'
#
loop_
_entity.id
_entity.type
_entity.pdbx_description
1 polymer 'Non-structural protein 1'
2 non-polymer S-ADENOSYL-L-HOMOCYSTEINE
3 water water
#
_entity_poly.entity_id   1
_entity_poly.type   'polypeptide(L)'
_entity_poly.pdbx_seq_one_letter_code
;DKLTQQDYNTDFIYESHHRQPKESLTHASVLSAYTASYKTTAIKSIADNAVVLDIGYGKGNDGPRYAVRPLTVTGIDTAA
RMLAIADQNKPENVTLVKQGFFTHITKTSNTYTHVIAFNSLHYPLASSHPDTLVQRLPTCPANILIPCHHLLEGIQTPTY
SVVKDEDMWCVKVTKNEFIESSYNYDVFVKALESKYHVTIGSLLDCVEKPSTRSITPTLWTAMRNFVNNDQEMQRILSGY
ITFNLTPLPPKVEIINDWLD
;
_entity_poly.pdbx_strand_id   A
#
loop_
_chem_comp.id
_chem_comp.type
_chem_comp.name
_chem_comp.formula
SAH non-polymer S-ADENOSYL-L-HOMOCYSTEINE 'C14 H20 N6 O5 S'
#
# COMPACT_ATOMS: atom_id res chain seq x y z
N SER A 24 10.01 21.16 0.22
CA SER A 24 8.92 20.52 0.94
C SER A 24 7.77 20.08 0.05
N LEU A 25 7.66 20.65 -1.16
CA LEU A 25 6.62 20.32 -2.11
C LEU A 25 7.18 19.56 -3.31
N THR A 26 8.21 18.72 -3.09
CA THR A 26 8.76 17.92 -4.18
C THR A 26 7.75 16.85 -4.56
N HIS A 27 7.87 16.27 -5.75
CA HIS A 27 6.96 15.20 -6.18
C HIS A 27 7.00 14.02 -5.17
N ALA A 28 8.19 13.68 -4.68
CA ALA A 28 8.30 12.57 -3.74
C ALA A 28 7.66 12.89 -2.39
N SER A 29 7.80 14.15 -1.91
CA SER A 29 7.22 14.53 -0.62
C SER A 29 5.72 14.50 -0.71
N VAL A 30 5.16 14.98 -1.82
CA VAL A 30 3.71 14.98 -1.97
C VAL A 30 3.21 13.54 -2.11
N LEU A 31 3.94 12.70 -2.87
CA LEU A 31 3.55 11.27 -2.98
C LEU A 31 3.55 10.61 -1.56
N SER A 32 4.57 10.91 -0.75
CA SER A 32 4.68 10.34 0.59
C SER A 32 3.49 10.79 1.44
N ALA A 33 3.12 12.08 1.33
CA ALA A 33 1.96 12.56 2.13
C ALA A 33 0.66 11.96 1.65
N TYR A 34 0.48 11.86 0.33
CA TYR A 34 -0.77 11.26 -0.19
C TYR A 34 -0.86 9.80 0.17
N THR A 35 0.27 9.09 0.18
CA THR A 35 0.27 7.68 0.59
C THR A 35 -0.20 7.58 2.06
N ALA A 36 0.30 8.46 2.91
CA ALA A 36 -0.07 8.52 4.33
C ALA A 36 -1.55 8.88 4.46
N SER A 37 -2.08 9.75 3.56
CA SER A 37 -3.51 10.08 3.56
C SER A 37 -4.33 8.81 3.32
N TYR A 38 -3.98 8.04 2.28
CA TYR A 38 -4.74 6.83 1.98
C TYR A 38 -4.66 5.84 3.14
N LYS A 39 -3.46 5.67 3.73
CA LYS A 39 -3.28 4.74 4.83
C LYS A 39 -4.12 5.16 6.03
N THR A 40 -4.18 6.49 6.28
CA THR A 40 -4.97 7.07 7.38
C THR A 40 -6.44 6.74 7.19
N THR A 41 -7.00 7.01 6.00
CA THR A 41 -8.41 6.74 5.75
C THR A 41 -8.74 5.24 5.78
N ALA A 42 -7.89 4.43 5.13
CA ALA A 42 -8.10 2.97 5.06
C ALA A 42 -8.10 2.35 6.46
N ILE A 43 -7.10 2.70 7.28
CA ILE A 43 -7.03 2.14 8.63
C ILE A 43 -8.20 2.62 9.50
N LYS A 44 -8.63 3.89 9.36
CA LYS A 44 -9.79 4.38 10.11
C LYS A 44 -11.08 3.69 9.68
N SER A 45 -11.15 3.23 8.42
CA SER A 45 -12.34 2.60 7.85
C SER A 45 -12.56 1.17 8.22
N ILE A 46 -11.54 0.52 8.82
CA ILE A 46 -11.66 -0.89 9.19
C ILE A 46 -12.73 -1.01 10.27
N ALA A 47 -13.57 -2.06 10.21
CA ALA A 47 -14.62 -2.24 11.21
C ALA A 47 -13.99 -2.34 12.60
N ASP A 48 -14.62 -1.70 13.59
CA ASP A 48 -14.11 -1.78 14.97
C ASP A 48 -13.98 -3.26 15.40
N ASN A 49 -12.90 -3.59 16.07
CA ASN A 49 -12.62 -4.91 16.58
C ASN A 49 -12.26 -5.95 15.52
N ALA A 50 -11.99 -5.52 14.26
CA ALA A 50 -11.55 -6.46 13.25
C ALA A 50 -10.21 -7.11 13.64
N VAL A 51 -9.96 -8.32 13.10
CA VAL A 51 -8.70 -9.03 13.22
C VAL A 51 -8.07 -8.80 11.83
N VAL A 52 -7.02 -7.97 11.79
CA VAL A 52 -6.44 -7.47 10.56
C VAL A 52 -5.16 -8.16 10.19
N LEU A 53 -5.00 -8.54 8.89
CA LEU A 53 -3.77 -9.04 8.37
C LEU A 53 -3.16 -7.87 7.57
N ASP A 54 -1.97 -7.40 7.94
CA ASP A 54 -1.30 -6.34 7.18
C ASP A 54 -0.15 -7.03 6.45
N ILE A 55 -0.27 -7.10 5.12
CA ILE A 55 0.69 -7.81 4.26
C ILE A 55 1.80 -6.89 3.87
N GLY A 56 3.00 -7.19 4.30
CA GLY A 56 4.15 -6.35 4.01
C GLY A 56 4.21 -5.19 4.96
N TYR A 57 4.10 -5.45 6.28
CA TYR A 57 4.10 -4.42 7.32
C TYR A 57 5.43 -3.62 7.39
N GLY A 58 6.50 -4.22 6.88
CA GLY A 58 7.81 -3.58 6.77
C GLY A 58 8.36 -3.01 8.05
N LYS A 59 8.91 -1.77 7.98
CA LYS A 59 9.47 -1.11 9.16
C LYS A 59 8.42 -0.57 10.15
N GLY A 60 7.14 -0.76 9.87
CA GLY A 60 6.09 -0.36 10.78
C GLY A 60 5.65 1.09 10.73
N ASN A 61 5.66 1.68 9.53
CA ASN A 61 5.19 3.07 9.37
C ASN A 61 3.73 3.22 9.85
N ASP A 62 2.92 2.16 9.70
CA ASP A 62 1.52 2.22 10.11
C ASP A 62 1.27 1.87 11.57
N GLY A 63 2.31 1.53 12.32
CA GLY A 63 2.20 1.24 13.76
C GLY A 63 1.38 2.24 14.55
N PRO A 64 1.72 3.54 14.49
CA PRO A 64 0.93 4.54 15.24
C PRO A 64 -0.54 4.64 14.84
N ARG A 65 -0.87 4.35 13.56
CA ARG A 65 -2.27 4.38 13.11
C ARG A 65 -3.05 3.20 13.72
N TYR A 66 -2.44 2.01 13.74
CA TYR A 66 -3.09 0.86 14.37
C TYR A 66 -3.19 1.02 15.87
N ALA A 67 -2.15 1.61 16.50
CA ALA A 67 -2.04 1.74 17.95
C ALA A 67 -3.23 2.38 18.63
N VAL A 68 -3.86 3.36 17.95
CA VAL A 68 -4.95 4.09 18.54
C VAL A 68 -6.34 3.51 18.25
N ARG A 69 -6.40 2.34 17.60
CA ARG A 69 -7.70 1.76 17.22
C ARG A 69 -7.98 0.44 17.92
N PRO A 70 -9.26 0.11 18.11
CA PRO A 70 -9.58 -1.21 18.67
C PRO A 70 -9.47 -2.22 17.53
N LEU A 71 -8.27 -2.72 17.30
CA LEU A 71 -7.99 -3.68 16.23
C LEU A 71 -6.97 -4.70 16.73
N THR A 72 -7.05 -5.93 16.22
CA THR A 72 -6.06 -6.98 16.52
C THR A 72 -5.29 -7.19 15.24
N VAL A 73 -4.05 -6.73 15.17
CA VAL A 73 -3.29 -6.72 13.93
C VAL A 73 -2.13 -7.71 13.87
N THR A 74 -2.02 -8.43 12.75
CA THR A 74 -0.86 -9.25 12.48
C THR A 74 -0.17 -8.65 11.29
N GLY A 75 1.05 -8.17 11.50
CA GLY A 75 1.87 -7.61 10.44
C GLY A 75 2.88 -8.62 9.95
N ILE A 76 2.83 -9.00 8.68
CA ILE A 76 3.75 -9.99 8.13
C ILE A 76 4.72 -9.37 7.15
N ASP A 77 5.86 -10.02 6.98
CA ASP A 77 6.84 -9.55 6.00
C ASP A 77 7.85 -10.65 5.68
N THR A 78 8.36 -10.67 4.46
CA THR A 78 9.39 -11.64 4.06
C THR A 78 10.76 -11.24 4.63
N ALA A 79 11.00 -9.94 4.82
CA ALA A 79 12.29 -9.45 5.29
C ALA A 79 12.38 -9.30 6.81
N ALA A 80 13.14 -10.18 7.46
CA ALA A 80 13.32 -10.15 8.90
C ALA A 80 13.93 -8.85 9.40
N ARG A 81 14.85 -8.26 8.62
CA ARG A 81 15.51 -7.02 9.04
C ARG A 81 14.52 -5.86 9.13
N MET A 82 13.52 -5.83 8.23
CA MET A 82 12.51 -4.78 8.28
C MET A 82 11.65 -4.96 9.53
N LEU A 83 11.27 -6.20 9.86
CA LEU A 83 10.47 -6.45 11.06
C LEU A 83 11.21 -6.16 12.37
N ALA A 84 12.54 -6.22 12.36
CA ALA A 84 13.34 -5.90 13.54
C ALA A 84 13.19 -4.42 13.88
N ILE A 85 13.12 -3.55 12.86
CA ILE A 85 12.91 -2.11 13.05
C ILE A 85 11.49 -1.87 13.56
N ALA A 86 10.50 -2.55 12.95
CA ALA A 86 9.09 -2.45 13.38
C ALA A 86 8.92 -2.82 14.85
N ASP A 87 9.73 -3.74 15.36
CA ASP A 87 9.65 -4.20 16.74
C ASP A 87 10.10 -3.15 17.75
N GLN A 88 11.02 -2.26 17.37
CA GLN A 88 11.58 -1.24 18.27
C GLN A 88 10.57 -0.25 18.85
N ASN A 89 9.40 -0.13 18.23
CA ASN A 89 8.36 0.77 18.74
C ASN A 89 6.97 0.21 18.38
N LYS A 90 6.81 -1.13 18.37
CA LYS A 90 5.54 -1.72 17.98
C LYS A 90 4.45 -1.59 19.04
N PRO A 91 3.23 -1.23 18.62
CA PRO A 91 2.14 -1.18 19.60
C PRO A 91 1.78 -2.57 20.13
N GLU A 92 1.12 -2.60 21.28
CA GLU A 92 0.69 -3.84 21.94
C GLU A 92 -0.30 -4.65 21.14
N ASN A 93 -1.09 -3.98 20.27
CA ASN A 93 -2.09 -4.68 19.46
C ASN A 93 -1.56 -5.17 18.11
N VAL A 94 -0.26 -5.05 17.85
CA VAL A 94 0.34 -5.55 16.61
C VAL A 94 1.27 -6.73 16.95
N THR A 95 1.14 -7.84 16.23
CA THR A 95 2.00 -9.03 16.33
C THR A 95 2.75 -9.11 15.03
N LEU A 96 4.07 -9.25 15.07
CA LEU A 96 4.90 -9.32 13.87
C LEU A 96 5.28 -10.78 13.57
N VAL A 97 5.07 -11.22 12.32
CA VAL A 97 5.37 -12.56 11.89
C VAL A 97 6.27 -12.51 10.65
N LYS A 98 7.42 -13.20 10.69
CA LYS A 98 8.35 -13.21 9.59
C LYS A 98 8.00 -14.33 8.64
N GLN A 99 6.95 -14.13 7.86
CA GLN A 99 6.50 -15.08 6.84
C GLN A 99 5.97 -14.27 5.67
N GLY A 100 6.26 -14.73 4.46
CA GLY A 100 5.68 -14.11 3.28
C GLY A 100 4.22 -14.47 3.20
N PHE A 101 3.44 -13.70 2.43
CA PHE A 101 2.00 -13.94 2.31
C PHE A 101 1.60 -15.41 2.12
N PHE A 102 2.08 -16.08 1.04
CA PHE A 102 1.61 -17.43 0.74
C PHE A 102 1.92 -18.41 1.84
N THR A 103 3.07 -18.30 2.47
CA THR A 103 3.44 -19.21 3.57
C THR A 103 2.61 -18.89 4.81
N HIS A 104 2.37 -17.61 5.06
CA HIS A 104 1.57 -17.19 6.22
C HIS A 104 0.15 -17.73 6.13
N ILE A 105 -0.49 -17.55 4.98
CA ILE A 105 -1.89 -17.95 4.84
C ILE A 105 -2.09 -19.45 5.02
N THR A 106 -1.10 -20.23 4.63
CA THR A 106 -1.14 -21.66 4.87
C THR A 106 -0.98 -21.98 6.36
N LYS A 107 0.02 -21.38 7.02
CA LYS A 107 0.39 -21.78 8.38
C LYS A 107 -0.42 -21.19 9.50
N THR A 108 -0.91 -19.96 9.32
CA THR A 108 -1.63 -19.29 10.39
C THR A 108 -2.89 -19.98 10.84
N SER A 109 -3.18 -19.86 12.13
CA SER A 109 -4.42 -20.32 12.77
C SER A 109 -5.44 -19.14 12.86
N ASN A 110 -4.99 -17.88 12.61
CA ASN A 110 -5.82 -16.70 12.69
C ASN A 110 -6.93 -16.70 11.67
N THR A 111 -8.06 -16.12 12.05
CA THR A 111 -9.16 -15.91 11.14
C THR A 111 -9.22 -14.41 10.96
N TYR A 112 -8.86 -13.92 9.77
CA TYR A 112 -8.84 -12.49 9.54
C TYR A 112 -10.18 -11.95 9.07
N THR A 113 -10.53 -10.77 9.56
CA THR A 113 -11.75 -10.11 9.12
C THR A 113 -11.47 -8.80 8.36
N HIS A 114 -10.19 -8.40 8.21
CA HIS A 114 -9.84 -7.27 7.33
C HIS A 114 -8.43 -7.49 6.83
N VAL A 115 -8.16 -7.19 5.54
CA VAL A 115 -6.82 -7.33 5.00
C VAL A 115 -6.37 -5.98 4.55
N ILE A 116 -5.14 -5.63 4.90
CA ILE A 116 -4.54 -4.36 4.46
C ILE A 116 -3.28 -4.75 3.68
N ALA A 117 -3.05 -4.11 2.55
CA ALA A 117 -1.82 -4.36 1.80
C ALA A 117 -1.44 -3.05 1.14
N PHE A 118 -0.48 -2.30 1.74
CA PHE A 118 -0.07 -1.02 1.19
C PHE A 118 1.26 -1.10 0.50
N ASN A 119 1.27 -0.93 -0.84
CA ASN A 119 2.47 -1.01 -1.68
C ASN A 119 3.30 -2.27 -1.46
N SER A 120 2.61 -3.40 -1.35
CA SER A 120 3.30 -4.67 -1.10
C SER A 120 2.89 -5.78 -2.05
N LEU A 121 1.63 -5.80 -2.51
CA LEU A 121 1.17 -6.98 -3.27
C LEU A 121 1.81 -7.16 -4.63
N HIS A 122 2.41 -6.09 -5.20
CA HIS A 122 3.05 -6.26 -6.51
C HIS A 122 4.27 -7.21 -6.46
N TYR A 123 4.86 -7.41 -5.25
CA TYR A 123 5.98 -8.35 -5.08
C TYR A 123 5.48 -9.80 -5.25
N PRO A 124 4.51 -10.32 -4.44
CA PRO A 124 4.07 -11.70 -4.68
C PRO A 124 3.34 -11.85 -6.01
N LEU A 125 2.64 -10.80 -6.50
CA LEU A 125 1.97 -10.89 -7.80
C LEU A 125 2.98 -11.13 -8.93
N ALA A 126 4.23 -10.60 -8.79
CA ALA A 126 5.24 -10.81 -9.83
C ALA A 126 5.70 -12.27 -9.89
N SER A 127 5.56 -13.03 -8.82
CA SER A 127 6.01 -14.41 -8.73
C SER A 127 4.88 -15.43 -8.67
N SER A 128 3.62 -15.02 -8.85
CA SER A 128 2.50 -15.93 -8.77
C SER A 128 1.43 -15.58 -9.80
N HIS A 129 0.46 -16.50 -9.99
CA HIS A 129 -0.68 -16.17 -10.83
C HIS A 129 -1.57 -15.23 -9.98
N PRO A 130 -2.01 -14.10 -10.53
CA PRO A 130 -2.84 -13.16 -9.75
C PRO A 130 -4.13 -13.78 -9.19
N ASP A 131 -4.75 -14.74 -9.91
CA ASP A 131 -5.95 -15.39 -9.35
C ASP A 131 -5.59 -16.27 -8.17
N THR A 132 -4.36 -16.81 -8.11
CA THR A 132 -3.94 -17.60 -6.94
C THR A 132 -3.81 -16.67 -5.75
N LEU A 133 -3.16 -15.51 -5.93
CA LEU A 133 -3.06 -14.55 -4.81
C LEU A 133 -4.43 -14.11 -4.34
N VAL A 134 -5.36 -13.82 -5.27
CA VAL A 134 -6.69 -13.34 -4.90
C VAL A 134 -7.51 -14.42 -4.22
N GLN A 135 -7.49 -15.63 -4.76
CA GLN A 135 -8.25 -16.71 -4.13
C GLN A 135 -7.71 -17.10 -2.75
N ARG A 136 -6.40 -16.93 -2.50
CA ARG A 136 -5.83 -17.29 -1.20
C ARG A 136 -5.97 -16.19 -0.14
N LEU A 137 -6.38 -14.95 -0.54
CA LEU A 137 -6.65 -13.91 0.46
C LEU A 137 -7.79 -14.35 1.34
N PRO A 138 -7.75 -14.00 2.63
CA PRO A 138 -8.92 -14.24 3.50
C PRO A 138 -10.20 -13.60 2.87
N THR A 139 -11.34 -14.28 2.95
CA THR A 139 -12.58 -13.80 2.36
C THR A 139 -13.21 -12.79 3.34
N CYS A 140 -12.79 -11.54 3.23
CA CYS A 140 -13.19 -10.49 4.15
C CYS A 140 -12.92 -9.11 3.48
N PRO A 141 -13.40 -7.99 4.05
CA PRO A 141 -13.10 -6.68 3.46
C PRO A 141 -11.58 -6.43 3.44
N ALA A 142 -11.16 -5.60 2.50
CA ALA A 142 -9.76 -5.31 2.30
C ALA A 142 -9.55 -3.94 1.70
N ASN A 143 -8.35 -3.38 1.87
CA ASN A 143 -7.88 -2.16 1.22
C ASN A 143 -6.49 -2.48 0.67
N ILE A 144 -6.29 -2.21 -0.60
CA ILE A 144 -5.01 -2.45 -1.27
C ILE A 144 -4.59 -1.16 -1.95
N LEU A 145 -3.33 -0.78 -1.79
CA LEU A 145 -2.72 0.33 -2.50
C LEU A 145 -1.60 -0.36 -3.29
N ILE A 146 -1.52 -0.14 -4.62
CA ILE A 146 -0.46 -0.80 -5.39
C ILE A 146 0.01 0.03 -6.54
N PRO A 147 1.33 0.12 -6.80
CA PRO A 147 1.77 0.84 -8.01
C PRO A 147 1.35 0.06 -9.25
N CYS A 148 0.85 0.75 -10.26
CA CYS A 148 0.56 0.11 -11.53
C CYS A 148 1.67 0.60 -12.43
N HIS A 149 2.74 -0.20 -12.60
CA HIS A 149 3.91 0.24 -13.34
C HIS A 149 3.62 0.80 -14.74
N HIS A 150 2.66 0.24 -15.44
CA HIS A 150 2.32 0.72 -16.79
C HIS A 150 1.72 2.13 -16.80
N LEU A 151 1.16 2.57 -15.67
CA LEU A 151 0.63 3.94 -15.57
C LEU A 151 1.68 4.91 -15.05
N LEU A 152 2.79 4.42 -14.49
CA LEU A 152 3.87 5.26 -13.94
C LEU A 152 5.05 5.42 -14.89
N GLU A 153 5.20 4.50 -15.86
CA GLU A 153 6.34 4.48 -16.80
C GLU A 153 6.54 5.79 -17.49
N GLY A 154 7.78 6.26 -17.55
CA GLY A 154 8.10 7.46 -18.28
C GLY A 154 7.91 8.76 -17.54
N ILE A 155 7.37 8.70 -16.31
CA ILE A 155 7.26 9.90 -15.49
C ILE A 155 8.68 10.19 -15.04
N GLN A 156 9.19 11.38 -15.34
CA GLN A 156 10.56 11.74 -15.00
C GLN A 156 10.58 13.11 -14.35
N THR A 157 10.67 13.15 -13.02
CA THR A 157 10.75 14.38 -12.23
C THR A 157 12.07 14.32 -11.42
N PRO A 158 12.53 15.46 -10.87
CA PRO A 158 13.79 15.43 -10.10
C PRO A 158 13.79 14.50 -8.90
N THR A 159 12.63 14.29 -8.25
CA THR A 159 12.58 13.41 -7.08
C THR A 159 11.73 12.14 -7.26
N TYR A 160 11.19 11.91 -8.46
CA TYR A 160 10.39 10.69 -8.71
C TYR A 160 10.50 10.32 -10.17
N SER A 161 10.89 9.07 -10.46
CA SER A 161 11.01 8.60 -11.85
C SER A 161 10.72 7.12 -11.93
N VAL A 162 10.10 6.67 -13.02
CA VAL A 162 9.87 5.24 -13.25
C VAL A 162 10.31 4.92 -14.66
N VAL A 163 11.27 4.04 -14.79
CA VAL A 163 11.73 3.58 -16.10
C VAL A 163 11.71 2.08 -16.18
N LYS A 164 11.51 1.56 -17.38
CA LYS A 164 11.57 0.12 -17.62
C LYS A 164 12.94 -0.16 -18.23
N ASP A 165 13.77 -0.99 -17.58
CA ASP A 165 15.10 -1.37 -18.04
C ASP A 165 15.03 -2.84 -18.37
N GLU A 166 15.03 -3.19 -19.67
CA GLU A 166 14.88 -4.55 -20.16
C GLU A 166 13.55 -5.17 -19.63
N ASP A 167 13.59 -5.94 -18.54
CA ASP A 167 12.38 -6.52 -17.94
C ASP A 167 12.11 -5.99 -16.51
N MET A 168 13.05 -5.21 -15.93
CA MET A 168 12.88 -4.70 -14.59
CA MET A 168 12.95 -4.68 -14.58
C MET A 168 12.43 -3.26 -14.56
N TRP A 169 11.65 -2.92 -13.55
CA TRP A 169 11.14 -1.56 -13.33
C TRP A 169 12.09 -0.90 -12.35
N CYS A 170 12.55 0.31 -12.65
CA CYS A 170 13.42 1.05 -11.75
C CYS A 170 12.62 2.22 -11.26
N VAL A 171 12.23 2.17 -9.99
CA VAL A 171 11.44 3.24 -9.42
C VAL A 171 12.33 4.05 -8.50
N LYS A 172 12.67 5.27 -8.90
CA LYS A 172 13.52 6.12 -8.10
C LYS A 172 12.67 7.12 -7.33
N VAL A 173 12.77 7.09 -6.00
CA VAL A 173 12.03 8.00 -5.11
C VAL A 173 13.09 8.71 -4.28
N THR A 174 13.33 9.99 -4.58
CA THR A 174 14.38 10.86 -4.02
C THR A 174 15.74 10.14 -4.31
N LYS A 175 16.55 9.80 -3.30
CA LYS A 175 17.81 9.13 -3.54
C LYS A 175 17.67 7.64 -3.24
N ASN A 176 16.51 7.04 -3.53
CA ASN A 176 16.28 5.63 -3.26
C ASN A 176 15.81 4.92 -4.52
N GLU A 177 16.32 3.71 -4.80
CA GLU A 177 15.86 2.98 -5.98
C GLU A 177 15.30 1.62 -5.67
N PHE A 178 14.11 1.35 -6.14
CA PHE A 178 13.46 0.06 -5.97
C PHE A 178 13.51 -0.62 -7.33
N ILE A 179 13.99 -1.86 -7.38
CA ILE A 179 14.05 -2.63 -8.62
C ILE A 179 12.96 -3.66 -8.50
N GLU A 180 11.97 -3.61 -9.39
CA GLU A 180 10.81 -4.47 -9.27
C GLU A 180 10.53 -5.26 -10.53
N SER A 181 9.97 -6.45 -10.38
CA SER A 181 9.61 -7.27 -11.53
C SER A 181 8.20 -6.91 -11.99
N SER A 182 7.90 -7.21 -13.25
CA SER A 182 6.57 -6.93 -13.79
C SER A 182 5.55 -7.91 -13.22
N TYR A 183 4.31 -7.47 -13.13
CA TYR A 183 3.21 -8.32 -12.70
C TYR A 183 2.04 -8.06 -13.62
N ASN A 184 1.15 -9.03 -13.76
CA ASN A 184 0.03 -8.89 -14.69
C ASN A 184 -1.11 -8.13 -14.03
N TYR A 185 -1.04 -6.81 -14.08
CA TYR A 185 -2.06 -5.94 -13.48
C TYR A 185 -3.47 -6.24 -14.00
N ASP A 186 -3.61 -6.39 -15.33
CA ASP A 186 -4.93 -6.61 -15.92
C ASP A 186 -5.60 -7.90 -15.39
N VAL A 187 -4.84 -8.99 -15.26
CA VAL A 187 -5.37 -10.25 -14.72
C VAL A 187 -5.72 -10.09 -13.24
N PHE A 188 -4.90 -9.34 -12.50
CA PHE A 188 -5.15 -9.08 -11.08
C PHE A 188 -6.49 -8.37 -10.87
N VAL A 189 -6.79 -7.32 -11.68
CA VAL A 189 -8.05 -6.60 -11.53
C VAL A 189 -9.25 -7.51 -11.80
N LYS A 190 -9.17 -8.36 -12.85
CA LYS A 190 -10.27 -9.26 -13.16
C LYS A 190 -10.43 -10.33 -12.07
N ALA A 191 -9.32 -10.78 -11.46
CA ALA A 191 -9.39 -11.77 -10.38
C ALA A 191 -10.13 -11.16 -9.18
N LEU A 192 -9.82 -9.89 -8.84
CA LEU A 192 -10.49 -9.18 -7.75
C LEU A 192 -12.00 -9.06 -8.01
N GLU A 193 -12.39 -8.75 -9.25
CA GLU A 193 -13.82 -8.65 -9.59
C GLU A 193 -14.58 -9.97 -9.49
N SER A 194 -13.89 -11.13 -9.58
CA SER A 194 -14.55 -12.43 -9.43
C SER A 194 -14.86 -12.79 -7.96
N LYS A 195 -14.16 -12.16 -7.01
CA LYS A 195 -14.31 -12.50 -5.60
C LYS A 195 -14.94 -11.39 -4.75
N TYR A 196 -14.81 -10.14 -5.19
CA TYR A 196 -15.28 -9.01 -4.40
C TYR A 196 -16.13 -8.02 -5.20
N HIS A 197 -16.85 -7.15 -4.45
CA HIS A 197 -17.46 -5.92 -4.94
C HIS A 197 -16.21 -5.01 -4.88
N VAL A 198 -15.80 -4.48 -6.01
CA VAL A 198 -14.56 -3.71 -6.08
C VAL A 198 -14.83 -2.24 -6.34
N THR A 199 -14.22 -1.36 -5.53
CA THR A 199 -14.29 0.10 -5.74
C THR A 199 -12.86 0.51 -6.04
N ILE A 200 -12.59 0.89 -7.28
CA ILE A 200 -11.24 1.23 -7.71
C ILE A 200 -11.06 2.74 -7.73
N GLY A 201 -9.90 3.19 -7.29
CA GLY A 201 -9.57 4.61 -7.32
C GLY A 201 -8.07 4.77 -7.45
N SER A 202 -7.57 5.93 -7.06
CA SER A 202 -6.13 6.15 -7.03
C SER A 202 -5.81 7.13 -5.91
N LEU A 203 -4.53 7.38 -5.69
CA LEU A 203 -4.17 8.40 -4.69
C LEU A 203 -4.68 9.79 -5.07
N LEU A 204 -4.96 10.03 -6.37
CA LEU A 204 -5.45 11.35 -6.76
C LEU A 204 -6.78 11.70 -6.08
N ASP A 205 -7.57 10.68 -5.67
CA ASP A 205 -8.86 10.86 -5.01
C ASP A 205 -8.76 11.31 -3.55
N CYS A 206 -7.58 11.19 -2.93
CA CYS A 206 -7.43 11.51 -1.51
C CYS A 206 -7.64 12.95 -1.19
N VAL A 207 -8.39 13.21 -0.12
CA VAL A 207 -8.53 14.58 0.39
C VAL A 207 -8.12 14.67 1.87
N GLU A 208 -8.25 13.56 2.61
CA GLU A 208 -8.03 13.55 4.06
C GLU A 208 -6.59 13.82 4.48
N LYS A 209 -6.39 14.78 5.41
CA LYS A 209 -5.04 15.09 5.88
C LYS A 209 -4.45 13.85 6.55
N PRO A 210 -3.22 13.48 6.19
CA PRO A 210 -2.59 12.31 6.86
C PRO A 210 -2.52 12.53 8.38
N SER A 211 -2.57 11.43 9.12
CA SER A 211 -2.45 11.47 10.58
C SER A 211 -1.06 11.97 11.02
N THR A 212 -0.05 11.86 10.14
CA THR A 212 1.35 12.28 10.29
C THR A 212 1.40 13.71 10.85
N ARG A 213 1.90 13.87 12.09
CA ARG A 213 1.99 15.17 12.74
C ARG A 213 2.87 16.16 11.98
N SER A 214 3.89 15.67 11.29
CA SER A 214 4.80 16.53 10.54
C SER A 214 4.15 17.18 9.30
N ILE A 215 2.95 16.72 8.90
CA ILE A 215 2.19 17.29 7.81
C ILE A 215 1.12 18.15 8.45
N THR A 216 1.42 19.42 8.60
CA THR A 216 0.49 20.39 9.19
C THR A 216 -0.67 20.66 8.23
N PRO A 217 -1.79 21.22 8.72
CA PRO A 217 -2.87 21.60 7.81
C PRO A 217 -2.42 22.59 6.74
N THR A 218 -1.48 23.52 7.04
CA THR A 218 -1.03 24.47 6.01
C THR A 218 -0.22 23.74 4.93
N LEU A 219 0.64 22.80 5.33
CA LEU A 219 1.46 22.05 4.37
C LEU A 219 0.55 21.20 3.48
N TRP A 220 -0.44 20.55 4.07
CA TRP A 220 -1.38 19.71 3.31
C TRP A 220 -2.17 20.52 2.33
N THR A 221 -2.60 21.73 2.72
CA THR A 221 -3.30 22.63 1.80
C THR A 221 -2.39 22.98 0.61
N ALA A 222 -1.11 23.32 0.88
CA ALA A 222 -0.19 23.63 -0.20
C ALA A 222 0.04 22.44 -1.12
N MET A 223 0.14 21.22 -0.54
CA MET A 223 0.34 20.03 -1.37
C MET A 223 -0.88 19.77 -2.25
N ARG A 224 -2.10 19.87 -1.70
CA ARG A 224 -3.30 19.63 -2.52
C ARG A 224 -3.47 20.70 -3.61
N ASN A 225 -3.06 21.96 -3.31
CA ASN A 225 -3.11 23.03 -4.31
C ASN A 225 -2.12 22.73 -5.42
N PHE A 226 -0.92 22.24 -5.08
CA PHE A 226 0.10 21.87 -6.07
C PHE A 226 -0.43 20.73 -6.96
N VAL A 227 -1.04 19.71 -6.34
CA VAL A 227 -1.63 18.60 -7.11
C VAL A 227 -2.68 19.11 -8.09
N ASN A 228 -3.58 19.97 -7.62
CA ASN A 228 -4.62 20.54 -8.50
C ASN A 228 -4.05 21.29 -9.70
N ASN A 229 -2.83 21.83 -9.59
CA ASN A 229 -2.18 22.62 -10.63
C ASN A 229 -1.05 21.97 -11.42
N ASP A 230 -0.63 20.74 -11.05
CA ASP A 230 0.50 20.12 -11.71
C ASP A 230 0.13 18.77 -12.28
N GLN A 231 0.08 18.64 -13.60
CA GLN A 231 -0.29 17.37 -14.23
C GLN A 231 0.68 16.22 -13.94
N GLU A 232 2.01 16.48 -13.85
CA GLU A 232 2.95 15.37 -13.57
C GLU A 232 2.66 14.81 -12.18
N MET A 233 2.37 15.67 -11.19
CA MET A 233 2.03 15.20 -9.86
C MET A 233 0.73 14.38 -9.91
N GLN A 234 -0.27 14.85 -10.68
CA GLN A 234 -1.50 14.09 -10.85
C GLN A 234 -1.23 12.73 -11.46
N ARG A 235 -0.33 12.65 -12.46
CA ARG A 235 -0.03 11.38 -13.12
C ARG A 235 0.60 10.41 -12.12
N ILE A 236 1.53 10.91 -11.27
CA ILE A 236 2.14 10.03 -10.25
C ILE A 236 1.05 9.46 -9.32
N LEU A 237 0.17 10.31 -8.78
CA LEU A 237 -0.86 9.85 -7.85
C LEU A 237 -1.86 8.92 -8.52
N SER A 238 -2.15 9.19 -9.80
CA SER A 238 -3.07 8.36 -10.61
C SER A 238 -2.51 6.95 -10.87
N GLY A 239 -1.19 6.76 -10.78
CA GLY A 239 -0.55 5.45 -11.03
C GLY A 239 -0.49 4.55 -9.80
N TYR A 240 -0.90 5.07 -8.62
CA TYR A 240 -0.96 4.31 -7.35
C TYR A 240 -2.40 4.01 -7.15
N ILE A 241 -2.78 2.80 -7.53
CA ILE A 241 -4.18 2.41 -7.56
C ILE A 241 -4.66 1.93 -6.20
N THR A 242 -5.91 2.31 -5.85
CA THR A 242 -6.50 1.90 -4.60
C THR A 242 -7.66 0.97 -4.87
N PHE A 243 -7.84 -0.04 -4.04
CA PHE A 243 -8.99 -0.96 -4.19
C PHE A 243 -9.63 -1.06 -2.82
N ASN A 244 -10.94 -0.78 -2.74
CA ASN A 244 -11.72 -0.92 -1.52
C ASN A 244 -12.57 -2.14 -1.83
N LEU A 245 -12.34 -3.25 -1.11
CA LEU A 245 -12.95 -4.53 -1.46
C LEU A 245 -13.92 -5.05 -0.41
N THR A 246 -15.08 -5.58 -0.84
CA THR A 246 -16.05 -6.19 0.06
C THR A 246 -16.35 -7.57 -0.54
N PRO A 247 -16.25 -8.67 0.21
CA PRO A 247 -16.44 -10.00 -0.40
C PRO A 247 -17.86 -10.26 -0.89
N LEU A 248 -18.01 -10.99 -2.01
CA LEU A 248 -19.32 -11.29 -2.60
C LEU A 248 -20.18 -12.25 -1.79
N SAH B . 3.18 -1.57 4.05
CA SAH B . 4.37 -0.82 4.52
CB SAH B . 5.65 -1.30 3.83
CG SAH B . 5.67 -1.07 2.32
SD SAH B . 7.16 -1.71 1.48
C SAH B . 4.14 0.68 4.29
O SAH B . 3.17 1.01 3.59
OXT SAH B . 4.96 1.48 4.82
C5' SAH B . 6.60 -3.33 0.90
C4' SAH B . 6.91 -4.46 1.85
O4' SAH B . 6.37 -5.73 1.40
C3' SAH B . 8.41 -4.70 2.12
O3' SAH B . 8.66 -4.58 3.52
C2' SAH B . 8.64 -6.12 1.59
O2' SAH B . 9.64 -6.84 2.30
C1' SAH B . 7.27 -6.74 1.79
N9 SAH B . 7.00 -7.95 1.02
C8 SAH B . 7.51 -8.26 -0.22
N7 SAH B . 7.08 -9.40 -0.70
C5 SAH B . 6.23 -9.88 0.29
C6 SAH B . 5.47 -11.06 0.39
N6 SAH B . 5.46 -12.03 -0.53
N1 SAH B . 4.74 -11.23 1.51
C2 SAH B . 4.79 -10.30 2.46
N3 SAH B . 5.47 -9.14 2.47
C4 SAH B . 6.17 -8.99 1.35
#